data_5TTG
#
_entry.id   5TTG
#
_cell.length_a   74.429
_cell.length_b   95.900
_cell.length_c   102.113
_cell.angle_alpha   90.000
_cell.angle_beta   90.000
_cell.angle_gamma   90.000
#
_symmetry.space_group_name_H-M   'P 21 21 21'
#
loop_
_entity.id
_entity.type
_entity.pdbx_description
1 polymer 'Histone-lysine N-methyltransferase EHMT1'
2 non-polymer S-ADENOSYLMETHIONINE
3 non-polymer N4-(1-methylpiperidin-4-yl)-N2-hexyl-6,7-dimethoxyquinazoline-2,4-diamine
4 non-polymer 'ZINC ION'
5 non-polymer 'CHLORIDE ION'
6 non-polymer GLYCEROL
7 non-polymer 'UNKNOWN ATOM OR ION'
8 non-polymer 'DIMETHYL SULFOXIDE'
9 water water
#
_entity_poly.entity_id   1
_entity_poly.type   'polypeptide(L)'
_entity_poly.pdbx_seq_one_letter_code
;GSNSQVWSALQMSKALQDSAPDRPSPVERIVSRDIARGYERIPIPCVNAVDSEPCPSNYKYVSQNCVTSPMNIDRNITHL
QYCVCIDDCSSSNCMCGQLSMRCWYDKDGRLLPEFNMAEPPLIFECNHACSCWRNCRNRVVQNGLRARLQLYRTRDMGWG
VRSLQDIPPGTFVCEYVGELISDSEADVREEDSYLFDLDNKDGEVYCIDARFYGNVSRFINHHCEPNLVPVRVFMAHQDL
RFPRIAFFSTRLIEAGEQLGFDYGERFWDIKGKLFSCRCGSPKCRHS
;
_entity_poly.pdbx_strand_id   A,B
#
loop_
_chem_comp.id
_chem_comp.type
_chem_comp.name
_chem_comp.formula
7KZ non-polymer N4-(1-methylpiperidin-4-yl)-N2-hexyl-6,7-dimethoxyquinazoline-2,4-diamine 'C22 H35 N5 O2'
CL non-polymer 'CHLORIDE ION' 'Cl -1'
DMS non-polymer 'DIMETHYL SULFOXIDE' 'C2 H6 O S'
GOL non-polymer GLYCEROL 'C3 H8 O3'
SAM non-polymer S-ADENOSYLMETHIONINE 'C15 H22 N6 O5 S'
UNX non-polymer 'UNKNOWN ATOM OR ION' ?
ZN non-polymer 'ZINC ION' 'Zn 2'
#
# COMPACT_ATOMS: atom_id res chain seq x y z
N VAL A 27 -29.00 -25.52 12.13
CA VAL A 27 -28.59 -25.06 10.76
C VAL A 27 -27.70 -23.81 10.83
N GLU A 28 -26.63 -23.81 10.05
CA GLU A 28 -25.67 -22.72 10.03
C GLU A 28 -25.99 -21.75 8.89
N ARG A 29 -26.51 -20.59 9.26
CA ARG A 29 -26.91 -19.58 8.28
C ARG A 29 -25.68 -18.76 7.83
N ILE A 30 -25.46 -18.66 6.52
CA ILE A 30 -24.45 -17.75 5.97
C ILE A 30 -25.04 -16.34 5.93
N VAL A 31 -24.54 -15.45 6.79
CA VAL A 31 -25.07 -14.09 6.87
C VAL A 31 -24.24 -13.03 6.12
N SER A 32 -23.06 -13.42 5.65
CA SER A 32 -22.27 -12.58 4.73
C SER A 32 -21.29 -13.47 3.99
N ARG A 33 -21.17 -13.30 2.68
CA ARG A 33 -20.20 -14.08 1.94
C ARG A 33 -18.78 -13.54 2.14
N ASP A 34 -18.64 -12.26 2.51
CA ASP A 34 -17.31 -11.69 2.72
C ASP A 34 -17.42 -10.37 3.46
N ILE A 35 -17.03 -10.37 4.74
CA ILE A 35 -17.06 -9.16 5.53
C ILE A 35 -16.04 -8.11 5.04
N ALA A 36 -15.02 -8.56 4.31
CA ALA A 36 -13.97 -7.68 3.79
C ALA A 36 -14.27 -7.07 2.43
N ARG A 37 -15.41 -7.41 1.82
CA ARG A 37 -15.80 -6.82 0.52
CA ARG A 37 -15.83 -6.92 0.50
C ARG A 37 -14.68 -6.90 -0.53
N GLY A 38 -13.96 -8.02 -0.59
CA GLY A 38 -12.96 -8.26 -1.58
C GLY A 38 -11.59 -7.64 -1.31
N TYR A 39 -11.40 -7.03 -0.15
CA TYR A 39 -10.12 -6.38 0.18
C TYR A 39 -9.03 -7.35 0.63
N GLU A 40 -9.40 -8.57 1.04
CA GLU A 40 -8.40 -9.59 1.32
C GLU A 40 -8.24 -10.56 0.10
N ARG A 41 -7.19 -11.35 0.10
CA ARG A 41 -6.99 -12.37 -0.98
C ARG A 41 -8.14 -13.31 -1.15
N ILE A 42 -8.74 -13.68 -0.04
CA ILE A 42 -9.81 -14.64 0.01
C ILE A 42 -10.95 -13.99 0.80
N PRO A 43 -12.18 -14.48 0.61
CA PRO A 43 -13.25 -13.94 1.42
C PRO A 43 -13.17 -14.38 2.86
N ILE A 44 -13.75 -13.57 3.73
CA ILE A 44 -13.96 -13.92 5.12
C ILE A 44 -15.47 -13.90 5.34
N PRO A 45 -16.11 -15.07 5.20
CA PRO A 45 -17.56 -15.13 5.40
C PRO A 45 -17.95 -15.04 6.86
N CYS A 46 -19.23 -14.77 7.09
CA CYS A 46 -19.80 -14.72 8.42
C CYS A 46 -20.97 -15.69 8.47
N VAL A 47 -20.97 -16.56 9.48
CA VAL A 47 -22.01 -17.56 9.68
C VAL A 47 -22.55 -17.46 11.09
N ASN A 48 -23.79 -17.91 11.28
CA ASN A 48 -24.40 -17.90 12.58
C ASN A 48 -25.28 -19.14 12.75
N ALA A 49 -24.79 -20.08 13.54
CA ALA A 49 -25.54 -21.31 13.86
C ALA A 49 -26.14 -21.29 15.25
N VAL A 50 -26.18 -20.12 15.88
CA VAL A 50 -26.54 -20.01 17.30
C VAL A 50 -27.83 -19.22 17.54
N ASP A 51 -27.96 -18.05 16.94
CA ASP A 51 -29.10 -17.16 17.22
C ASP A 51 -29.50 -16.37 15.96
N SER A 52 -30.34 -15.36 16.10
CA SER A 52 -30.84 -14.61 14.95
C SER A 52 -30.05 -13.32 14.62
N GLU A 53 -28.92 -13.08 15.29
CA GLU A 53 -28.12 -11.88 15.04
C GLU A 53 -27.63 -11.84 13.59
N PRO A 54 -27.87 -10.72 12.88
CA PRO A 54 -27.31 -10.60 11.55
C PRO A 54 -25.82 -10.28 11.63
N CYS A 55 -25.16 -10.27 10.49
CA CYS A 55 -23.75 -9.90 10.37
C CYS A 55 -23.50 -8.54 11.02
N PRO A 56 -22.47 -8.42 11.89
CA PRO A 56 -22.18 -7.10 12.50
C PRO A 56 -21.94 -6.01 11.45
N SER A 57 -22.52 -4.84 11.67
CA SER A 57 -22.46 -3.74 10.72
C SER A 57 -22.25 -2.37 11.36
N ASN A 58 -21.92 -2.33 12.65
CA ASN A 58 -21.75 -1.08 13.39
C ASN A 58 -20.27 -0.61 13.39
N TYR A 59 -19.52 -0.98 12.35
CA TYR A 59 -18.13 -0.58 12.20
C TYR A 59 -17.86 -0.61 10.72
N LYS A 60 -16.73 -0.05 10.31
CA LYS A 60 -16.29 -0.11 8.92
C LYS A 60 -15.12 -1.05 8.79
N TYR A 61 -15.24 -2.08 7.93
CA TYR A 61 -14.12 -2.98 7.67
C TYR A 61 -13.06 -2.23 6.88
N VAL A 62 -11.83 -2.19 7.41
CA VAL A 62 -10.66 -1.70 6.66
C VAL A 62 -9.54 -2.74 6.75
N SER A 63 -8.83 -2.96 5.65
CA SER A 63 -7.81 -4.02 5.60
C SER A 63 -6.45 -3.52 6.09
N GLN A 64 -6.29 -2.18 6.17
CA GLN A 64 -5.05 -1.53 6.58
CA GLN A 64 -5.05 -1.59 6.66
C GLN A 64 -5.37 -0.45 7.62
N ASN A 65 -4.41 -0.12 8.46
CA ASN A 65 -4.61 0.87 9.52
C ASN A 65 -4.97 2.22 8.92
N CYS A 66 -5.75 2.97 9.68
CA CYS A 66 -6.13 4.33 9.29
C CYS A 66 -5.96 5.27 10.45
N VAL A 67 -6.15 6.55 10.16
CA VAL A 67 -6.20 7.60 11.19
C VAL A 67 -7.41 8.50 10.98
N THR A 68 -7.84 9.14 12.07
CA THR A 68 -8.70 10.30 12.00
C THR A 68 -7.76 11.51 12.22
N SER A 69 -7.51 11.88 13.47
CA SER A 69 -6.51 12.91 13.78
C SER A 69 -5.12 12.48 13.32
N PRO A 70 -4.32 13.44 12.82
CA PRO A 70 -3.03 13.10 12.22
C PRO A 70 -2.03 12.52 13.23
N MET A 71 -1.34 11.47 12.78
N MET A 71 -1.18 11.59 12.80
CA MET A 71 -0.21 10.90 13.45
CA MET A 71 -0.21 10.95 13.72
C MET A 71 0.95 11.27 12.55
C MET A 71 1.24 11.37 13.50
N ASN A 72 1.92 11.96 13.12
N ASN A 72 1.51 12.04 12.37
CA ASN A 72 3.09 12.34 12.35
CA ASN A 72 2.87 12.33 11.88
C ASN A 72 4.06 11.18 12.22
C ASN A 72 3.90 11.23 12.17
N ILE A 73 3.63 10.10 11.56
CA ILE A 73 4.52 8.93 11.44
C ILE A 73 5.67 9.39 10.60
N ASP A 74 6.89 9.13 11.04
CA ASP A 74 8.09 9.49 10.27
C ASP A 74 8.20 8.63 9.02
N ARG A 75 7.93 9.22 7.86
CA ARG A 75 8.03 8.51 6.59
CA ARG A 75 8.02 8.54 6.58
C ARG A 75 9.18 9.04 5.73
N ASN A 76 10.12 9.76 6.34
CA ASN A 76 11.31 10.21 5.59
C ASN A 76 12.07 8.96 5.11
N ILE A 77 12.12 8.75 3.79
CA ILE A 77 12.79 7.56 3.24
C ILE A 77 14.27 7.44 3.66
N THR A 78 14.93 8.58 3.87
CA THR A 78 16.33 8.57 4.30
C THR A 78 16.52 8.16 5.76
N HIS A 79 15.44 8.04 6.53
CA HIS A 79 15.53 7.55 7.90
C HIS A 79 15.43 6.05 8.00
N LEU A 80 15.07 5.36 6.92
CA LEU A 80 15.03 3.90 6.94
C LEU A 80 16.44 3.31 7.02
N GLN A 81 16.62 2.35 7.92
CA GLN A 81 17.75 1.44 7.85
C GLN A 81 17.35 0.32 6.88
N TYR A 82 18.33 -0.22 6.16
CA TYR A 82 18.05 -1.12 5.04
C TYR A 82 19.25 -1.97 4.80
N CYS A 83 19.06 -3.00 3.99
CA CYS A 83 20.13 -3.94 3.65
C CYS A 83 20.61 -3.76 2.24
N VAL A 84 21.79 -4.29 1.99
CA VAL A 84 22.45 -4.22 0.69
C VAL A 84 22.68 -5.61 0.10
N CYS A 85 21.88 -6.58 0.51
CA CYS A 85 22.06 -7.96 0.09
C CYS A 85 21.93 -8.12 -1.41
N ILE A 86 22.77 -8.99 -1.98
CA ILE A 86 22.68 -9.37 -3.42
C ILE A 86 21.99 -10.72 -3.62
N ASP A 87 21.57 -11.36 -2.53
CA ASP A 87 20.93 -12.68 -2.57
C ASP A 87 19.45 -12.50 -2.16
N ASP A 88 18.86 -13.55 -1.61
CA ASP A 88 17.47 -13.53 -1.15
C ASP A 88 17.33 -13.20 0.35
N CYS A 89 18.31 -12.50 0.93
CA CYS A 89 18.30 -12.11 2.36
C CYS A 89 18.25 -13.30 3.33
N SER A 90 18.94 -14.38 2.97
N SER A 90 18.93 -14.39 2.97
CA SER A 90 19.02 -15.56 3.82
CA SER A 90 19.06 -15.58 3.83
C SER A 90 20.37 -15.68 4.57
C SER A 90 20.26 -15.50 4.79
N SER A 91 21.26 -14.70 4.44
CA SER A 91 22.53 -14.69 5.19
C SER A 91 22.47 -13.81 6.43
N SER A 92 23.37 -14.11 7.37
CA SER A 92 23.48 -13.34 8.61
CA SER A 92 23.47 -13.34 8.61
C SER A 92 23.96 -11.91 8.38
N ASN A 93 24.50 -11.62 7.20
CA ASN A 93 24.92 -10.27 6.86
C ASN A 93 23.79 -9.28 6.54
N CYS A 94 22.57 -9.77 6.33
CA CYS A 94 21.44 -8.87 6.06
C CYS A 94 21.17 -7.93 7.24
N MET A 95 21.24 -6.63 7.00
CA MET A 95 21.03 -5.65 8.08
C MET A 95 19.65 -5.76 8.72
N CYS A 96 18.64 -6.03 7.90
CA CYS A 96 17.28 -6.13 8.40
C CYS A 96 17.11 -7.33 9.34
N GLY A 97 17.74 -8.45 8.99
CA GLY A 97 17.83 -9.59 9.89
C GLY A 97 18.56 -9.23 11.17
N GLN A 98 19.65 -8.45 11.06
CA GLN A 98 20.38 -8.02 12.26
C GLN A 98 19.55 -7.12 13.17
N LEU A 99 18.78 -6.20 12.59
CA LEU A 99 17.86 -5.37 13.37
C LEU A 99 16.83 -6.24 14.11
N SER A 100 16.46 -7.35 13.48
CA SER A 100 15.52 -8.33 14.08
C SER A 100 16.18 -9.33 15.04
N MET A 101 17.48 -9.12 15.31
CA MET A 101 18.40 -10.04 15.97
CA MET A 101 18.38 -10.07 15.99
C MET A 101 18.87 -11.12 15.00
N ARG A 102 17.92 -11.80 14.36
CA ARG A 102 18.17 -12.59 13.15
CA ARG A 102 18.16 -12.61 13.17
C ARG A 102 16.87 -12.60 12.34
N CYS A 103 16.94 -12.98 11.07
CA CYS A 103 15.70 -13.19 10.32
C CYS A 103 15.05 -14.47 10.87
N TRP A 104 13.80 -14.36 11.33
CA TRP A 104 13.12 -15.47 11.96
C TRP A 104 12.29 -16.30 11.01
N TYR A 105 12.30 -15.97 9.73
CA TYR A 105 11.43 -16.63 8.77
C TYR A 105 12.13 -17.73 7.99
N ASP A 106 11.47 -18.88 7.86
CA ASP A 106 11.92 -19.89 6.91
C ASP A 106 11.47 -19.54 5.49
N LYS A 107 11.80 -20.38 4.51
CA LYS A 107 11.45 -20.11 3.11
C LYS A 107 9.93 -20.10 2.83
N ASP A 108 9.15 -20.74 3.71
CA ASP A 108 7.69 -20.73 3.62
C ASP A 108 7.03 -19.57 4.37
N GLY A 109 7.84 -18.68 4.95
CA GLY A 109 7.31 -17.54 5.68
C GLY A 109 6.89 -17.84 7.10
N ARG A 110 7.31 -18.98 7.65
CA ARG A 110 6.94 -19.35 9.01
CA ARG A 110 6.94 -19.36 9.01
C ARG A 110 8.08 -19.07 9.98
N LEU A 111 7.74 -18.74 11.21
CA LEU A 111 8.75 -18.50 12.23
C LEU A 111 9.54 -19.77 12.55
N LEU A 112 10.84 -19.62 12.74
CA LEU A 112 11.69 -20.74 13.13
C LEU A 112 11.29 -21.23 14.50
N PRO A 113 11.50 -22.54 14.78
CA PRO A 113 11.15 -23.03 16.14
C PRO A 113 11.88 -22.33 17.28
N GLU A 114 13.04 -21.74 17.02
CA GLU A 114 13.80 -20.95 18.04
C GLU A 114 13.11 -19.65 18.49
N PHE A 115 12.10 -19.17 17.72
CA PHE A 115 11.45 -17.91 18.00
C PHE A 115 10.83 -17.94 19.40
N ASN A 116 11.06 -16.89 20.16
CA ASN A 116 10.56 -16.83 21.55
C ASN A 116 9.12 -16.32 21.60
N MET A 117 8.17 -17.26 21.66
CA MET A 117 6.75 -16.95 21.66
C MET A 117 6.28 -16.30 22.97
N ALA A 118 7.02 -16.54 24.05
CA ALA A 118 6.70 -15.94 25.36
C ALA A 118 7.12 -14.46 25.45
N GLU A 119 8.19 -14.08 24.75
CA GLU A 119 8.67 -12.70 24.79
C GLU A 119 9.26 -12.40 23.40
N PRO A 120 8.37 -12.14 22.43
CA PRO A 120 8.84 -11.99 21.05
C PRO A 120 9.70 -10.75 20.81
N PRO A 121 10.69 -10.86 19.91
CA PRO A 121 11.48 -9.70 19.50
C PRO A 121 10.68 -8.84 18.53
N LEU A 122 11.21 -7.66 18.23
CA LEU A 122 10.70 -6.84 17.14
C LEU A 122 11.18 -7.43 15.84
N ILE A 123 10.31 -7.44 14.82
CA ILE A 123 10.71 -7.91 13.49
C ILE A 123 10.80 -6.71 12.55
N PHE A 124 11.96 -6.56 11.89
CA PHE A 124 12.17 -5.58 10.84
C PHE A 124 12.21 -6.34 9.54
N GLU A 125 11.12 -6.23 8.76
CA GLU A 125 11.08 -6.81 7.44
C GLU A 125 11.85 -5.90 6.48
N CYS A 126 12.26 -6.48 5.36
CA CYS A 126 12.82 -5.68 4.30
C CYS A 126 11.82 -4.65 3.76
N ASN A 127 12.36 -3.59 3.17
CA ASN A 127 11.58 -2.44 2.73
C ASN A 127 12.07 -1.93 1.38
N HIS A 128 11.44 -0.87 0.92
CA HIS A 128 11.68 -0.29 -0.40
C HIS A 128 13.00 0.46 -0.52
N ALA A 129 13.69 0.71 0.61
CA ALA A 129 15.05 1.21 0.58
C ALA A 129 16.13 0.12 0.42
N CYS A 130 15.80 -1.12 0.74
CA CYS A 130 16.74 -2.24 0.61
C CYS A 130 17.10 -2.52 -0.86
N SER A 131 18.30 -3.07 -1.08
CA SER A 131 18.75 -3.45 -2.42
C SER A 131 18.15 -4.74 -2.94
N CYS A 132 17.55 -5.53 -2.05
CA CYS A 132 16.99 -6.82 -2.39
C CYS A 132 15.70 -6.72 -3.19
N TRP A 133 15.25 -7.86 -3.64
CA TRP A 133 14.05 -7.96 -4.44
C TRP A 133 12.81 -8.17 -3.56
N ARG A 134 11.65 -7.95 -4.18
CA ARG A 134 10.37 -7.98 -3.46
C ARG A 134 9.98 -9.40 -2.99
N ASN A 135 10.65 -10.43 -3.52
CA ASN A 135 10.44 -11.82 -3.10
C ASN A 135 11.52 -12.36 -2.16
N CYS A 136 12.26 -11.49 -1.48
CA CYS A 136 13.31 -11.98 -0.56
C CYS A 136 12.68 -12.71 0.63
N ARG A 137 13.52 -13.41 1.38
CA ARG A 137 13.05 -14.20 2.52
CA ARG A 137 13.15 -14.17 2.58
C ARG A 137 12.42 -13.34 3.62
N ASN A 138 12.86 -12.10 3.76
CA ASN A 138 12.46 -11.29 4.91
C ASN A 138 11.26 -10.40 4.66
N ARG A 139 10.21 -11.01 4.12
CA ARG A 139 8.97 -10.35 3.74
C ARG A 139 7.85 -11.36 3.92
N VAL A 140 7.00 -11.12 4.91
CA VAL A 140 5.89 -12.00 5.24
C VAL A 140 4.65 -11.17 5.56
N VAL A 141 4.72 -10.41 6.64
CA VAL A 141 3.59 -9.61 7.09
C VAL A 141 3.20 -8.60 5.99
N GLN A 142 4.17 -8.09 5.27
CA GLN A 142 3.90 -7.13 4.20
C GLN A 142 3.15 -7.75 2.99
N ASN A 143 3.08 -9.06 2.93
CA ASN A 143 2.29 -9.76 1.92
C ASN A 143 0.85 -9.99 2.32
N GLY A 144 0.49 -9.70 3.57
CA GLY A 144 -0.92 -9.70 3.96
C GLY A 144 -1.50 -11.05 4.34
N LEU A 145 -2.78 -11.03 4.71
CA LEU A 145 -3.49 -12.17 5.18
C LEU A 145 -3.67 -13.22 4.05
N ARG A 146 -3.40 -14.49 4.38
CA ARG A 146 -3.53 -15.61 3.44
C ARG A 146 -4.47 -16.75 3.92
N ALA A 147 -4.59 -16.94 5.23
CA ALA A 147 -5.36 -18.05 5.79
C ALA A 147 -6.88 -17.86 5.57
N ARG A 148 -7.56 -18.97 5.38
CA ARG A 148 -9.01 -19.02 5.27
C ARG A 148 -9.60 -18.91 6.66
N LEU A 149 -10.17 -17.74 6.96
CA LEU A 149 -10.82 -17.48 8.24
C LEU A 149 -12.33 -17.30 8.07
N GLN A 150 -13.05 -17.38 9.19
CA GLN A 150 -14.50 -17.21 9.20
C GLN A 150 -14.95 -16.53 10.49
N LEU A 151 -15.79 -15.51 10.35
CA LEU A 151 -16.47 -14.89 11.48
C LEU A 151 -17.68 -15.75 11.82
N TYR A 152 -17.84 -16.10 13.09
CA TYR A 152 -18.95 -16.98 13.48
C TYR A 152 -19.50 -16.59 14.83
N ARG A 153 -20.75 -16.98 15.06
CA ARG A 153 -21.39 -16.74 16.34
C ARG A 153 -21.01 -17.86 17.33
N THR A 154 -20.38 -17.48 18.44
CA THR A 154 -20.06 -18.44 19.50
C THR A 154 -21.31 -18.62 20.37
N ARG A 155 -21.27 -19.59 21.27
CA ARG A 155 -22.39 -19.82 22.19
C ARG A 155 -22.46 -18.80 23.33
N ASP A 156 -21.31 -18.34 23.84
CA ASP A 156 -21.34 -17.43 25.00
C ASP A 156 -20.28 -16.32 25.05
N MET A 157 -19.64 -16.04 23.91
CA MET A 157 -18.68 -14.93 23.84
C MET A 157 -18.93 -14.08 22.59
N GLY A 158 -20.19 -13.98 22.17
CA GLY A 158 -20.53 -13.13 21.03
C GLY A 158 -19.96 -13.69 19.75
N TRP A 159 -19.46 -12.81 18.88
CA TRP A 159 -18.82 -13.24 17.65
C TRP A 159 -17.39 -13.67 17.97
N GLY A 160 -16.89 -14.60 17.16
CA GLY A 160 -15.50 -15.01 17.24
C GLY A 160 -14.98 -15.30 15.84
N VAL A 161 -13.70 -15.60 15.75
CA VAL A 161 -13.10 -15.94 14.46
C VAL A 161 -12.52 -17.35 14.53
N ARG A 162 -12.79 -18.17 13.52
CA ARG A 162 -12.18 -19.49 13.42
C ARG A 162 -11.37 -19.65 12.16
N SER A 163 -10.44 -20.60 12.21
CA SER A 163 -9.70 -20.99 11.05
C SER A 163 -10.48 -22.10 10.36
N LEU A 164 -10.65 -21.99 9.04
CA LEU A 164 -11.28 -23.05 8.25
C LEU A 164 -10.33 -24.18 7.83
N GLN A 165 -9.02 -23.95 7.91
N GLN A 165 -9.03 -23.93 7.95
CA GLN A 165 -8.06 -24.99 7.54
CA GLN A 165 -7.98 -24.84 7.50
C GLN A 165 -6.98 -25.06 8.59
C GLN A 165 -7.01 -25.08 8.65
N ASP A 166 -6.19 -26.13 8.53
CA ASP A 166 -5.05 -26.30 9.41
C ASP A 166 -4.06 -25.15 9.18
N ILE A 167 -3.56 -24.59 10.28
CA ILE A 167 -2.51 -23.57 10.22
C ILE A 167 -1.29 -24.10 10.99
N PRO A 168 -0.18 -24.37 10.27
CA PRO A 168 1.03 -24.85 10.96
C PRO A 168 1.57 -23.82 11.98
N PRO A 169 2.37 -24.29 12.96
CA PRO A 169 2.98 -23.38 13.93
C PRO A 169 3.84 -22.32 13.23
N GLY A 170 3.83 -21.12 13.78
CA GLY A 170 4.67 -20.04 13.32
C GLY A 170 4.18 -19.35 12.08
N THR A 171 2.90 -19.53 11.72
CA THR A 171 2.36 -18.94 10.52
C THR A 171 1.76 -17.56 10.83
N PHE A 172 1.98 -16.60 9.94
CA PHE A 172 1.27 -15.33 10.03
C PHE A 172 -0.21 -15.53 9.73
N VAL A 173 -1.08 -15.10 10.64
CA VAL A 173 -2.52 -15.32 10.50
C VAL A 173 -3.24 -14.04 10.10
N CYS A 174 -3.08 -12.99 10.89
CA CYS A 174 -3.71 -11.70 10.58
C CYS A 174 -3.07 -10.58 11.36
N GLU A 175 -3.24 -9.35 10.86
CA GLU A 175 -2.78 -8.16 11.54
C GLU A 175 -3.93 -7.56 12.35
N TYR A 176 -3.60 -7.01 13.54
CA TYR A 176 -4.56 -6.22 14.32
C TYR A 176 -4.66 -4.84 13.69
N VAL A 177 -5.72 -4.63 12.94
CA VAL A 177 -5.88 -3.41 12.15
C VAL A 177 -6.98 -2.54 12.74
N GLY A 178 -6.73 -1.23 12.75
CA GLY A 178 -7.75 -0.33 13.20
C GLY A 178 -7.32 1.12 13.02
N GLU A 179 -7.87 1.96 13.88
CA GLU A 179 -7.62 3.40 13.89
C GLU A 179 -6.49 3.69 14.85
N LEU A 180 -5.41 4.28 14.36
CA LEU A 180 -4.27 4.66 15.20
CA LEU A 180 -4.27 4.63 15.20
C LEU A 180 -4.58 5.92 15.96
N ILE A 181 -4.50 5.86 17.27
CA ILE A 181 -4.84 7.00 18.14
C ILE A 181 -3.80 7.18 19.25
N SER A 182 -3.79 8.37 19.85
CA SER A 182 -2.93 8.60 21.00
C SER A 182 -3.58 8.04 22.28
N ASP A 183 -2.74 7.84 23.29
CA ASP A 183 -3.22 7.52 24.63
C ASP A 183 -4.23 8.54 25.17
N SER A 184 -4.00 9.83 24.86
CA SER A 184 -4.89 10.91 25.28
CA SER A 184 -4.90 10.89 25.31
C SER A 184 -6.27 10.76 24.65
N GLU A 185 -6.32 10.37 23.38
CA GLU A 185 -7.57 10.14 22.69
C GLU A 185 -8.28 8.90 23.21
N ALA A 186 -7.52 7.83 23.47
CA ALA A 186 -8.10 6.62 24.04
C ALA A 186 -8.75 6.93 25.40
N ASP A 187 -8.15 7.85 26.14
CA ASP A 187 -8.65 8.20 27.49
C ASP A 187 -10.03 8.87 27.48
N VAL A 188 -10.46 9.40 26.34
CA VAL A 188 -11.78 10.05 26.20
C VAL A 188 -12.74 9.27 25.30
N ARG A 189 -12.47 8.00 25.07
CA ARG A 189 -13.43 7.17 24.33
C ARG A 189 -14.19 6.29 25.29
N GLU A 190 -15.49 6.11 25.01
CA GLU A 190 -16.34 5.32 25.91
C GLU A 190 -16.07 3.81 25.81
N GLU A 191 -15.89 3.30 24.59
N GLU A 191 -15.91 3.29 24.59
CA GLU A 191 -15.67 1.86 24.37
CA GLU A 191 -15.68 1.85 24.38
C GLU A 191 -14.17 1.55 24.24
C GLU A 191 -14.18 1.57 24.25
N ASP A 192 -13.67 0.77 25.18
CA ASP A 192 -12.25 0.39 25.22
C ASP A 192 -12.04 -1.12 25.02
N SER A 193 -13.09 -1.83 24.58
CA SER A 193 -13.05 -3.28 24.42
C SER A 193 -12.37 -3.73 23.13
N TYR A 194 -12.09 -2.80 22.22
CA TYR A 194 -11.42 -3.09 20.94
C TYR A 194 -10.16 -2.26 20.83
N LEU A 195 -9.37 -2.24 21.91
CA LEU A 195 -8.15 -1.43 21.98
CA LEU A 195 -8.17 -1.43 22.01
C LEU A 195 -6.94 -2.31 22.11
N PHE A 196 -5.89 -2.01 21.35
CA PHE A 196 -4.60 -2.66 21.48
C PHE A 196 -3.54 -1.60 21.79
N ASP A 197 -2.82 -1.78 22.90
CA ASP A 197 -1.78 -0.84 23.32
C ASP A 197 -0.48 -1.11 22.59
N LEU A 198 0.08 -0.07 21.95
CA LEU A 198 1.29 -0.27 21.16
C LEU A 198 2.56 -0.34 21.99
N ASP A 199 2.55 0.30 23.14
CA ASP A 199 3.71 0.23 24.04
C ASP A 199 3.24 0.40 25.48
N ASN A 200 3.43 -0.65 26.29
CA ASN A 200 3.10 -0.61 27.72
C ASN A 200 4.28 -0.05 28.51
N ASP A 202 5.79 3.59 29.23
CA ASP A 202 5.85 4.90 29.88
C ASP A 202 6.07 6.03 28.88
N GLY A 203 5.33 7.13 29.06
CA GLY A 203 5.47 8.33 28.22
C GLY A 203 4.43 8.46 27.13
N GLU A 204 4.83 9.04 25.98
CA GLU A 204 3.92 9.24 24.85
C GLU A 204 3.71 7.91 24.11
N VAL A 205 2.55 7.30 24.33
CA VAL A 205 2.22 6.00 23.73
C VAL A 205 0.93 6.04 22.91
N TYR A 206 0.75 5.02 22.08
CA TYR A 206 -0.32 4.99 21.09
C TYR A 206 -1.06 3.68 21.16
N CYS A 207 -2.26 3.68 20.60
CA CYS A 207 -3.14 2.52 20.58
C CYS A 207 -3.70 2.32 19.17
N ILE A 208 -4.11 1.09 18.90
CA ILE A 208 -4.96 0.82 17.74
C ILE A 208 -6.34 0.58 18.29
N ASP A 209 -7.30 1.41 17.90
CA ASP A 209 -8.70 1.25 18.30
C ASP A 209 -9.46 0.67 17.12
N ALA A 210 -9.96 -0.56 17.29
CA ALA A 210 -10.68 -1.25 16.22
C ALA A 210 -12.21 -1.10 16.35
N ARG A 211 -12.69 -0.20 17.20
CA ARG A 211 -14.13 -0.08 17.43
C ARG A 211 -14.89 0.40 16.21
N PHE A 212 -14.41 1.48 15.63
CA PHE A 212 -15.10 2.11 14.51
C PHE A 212 -14.56 1.66 13.18
N TYR A 213 -13.25 1.46 13.09
CA TYR A 213 -12.60 0.96 11.89
C TYR A 213 -11.72 -0.21 12.30
N GLY A 214 -11.86 -1.33 11.61
CA GLY A 214 -11.09 -2.52 11.97
C GLY A 214 -11.17 -3.60 10.92
N ASN A 215 -10.30 -4.60 11.03
CA ASN A 215 -10.38 -5.78 10.17
C ASN A 215 -10.90 -6.97 11.00
N VAL A 216 -10.69 -8.17 10.49
CA VAL A 216 -11.18 -9.39 11.11
C VAL A 216 -10.68 -9.57 12.56
N SER A 217 -9.49 -9.04 12.89
CA SER A 217 -8.89 -9.23 14.20
C SER A 217 -9.71 -8.65 15.34
N ARG A 218 -10.54 -7.66 15.04
CA ARG A 218 -11.39 -7.07 16.07
C ARG A 218 -12.37 -8.06 16.68
N PHE A 219 -12.62 -9.18 15.99
CA PHE A 219 -13.56 -10.19 16.49
C PHE A 219 -12.87 -11.35 17.22
N ILE A 220 -11.55 -11.31 17.37
CA ILE A 220 -10.84 -12.42 18.02
C ILE A 220 -11.03 -12.33 19.53
N ASN A 221 -11.47 -13.42 20.14
CA ASN A 221 -11.68 -13.48 21.57
C ASN A 221 -10.40 -13.76 22.35
N HIS A 222 -10.43 -13.48 23.64
CA HIS A 222 -9.30 -13.69 24.52
C HIS A 222 -9.24 -15.17 24.90
N HIS A 223 -8.02 -15.72 24.94
CA HIS A 223 -7.77 -17.05 25.48
C HIS A 223 -6.52 -17.00 26.36
N CYS A 224 -6.57 -17.66 27.53
CA CYS A 224 -5.43 -17.66 28.47
C CYS A 224 -4.23 -18.52 28.07
N GLU A 225 -4.46 -19.51 27.23
CA GLU A 225 -3.41 -20.33 26.58
C GLU A 225 -3.55 -20.23 25.05
N PRO A 226 -3.18 -19.04 24.51
CA PRO A 226 -3.64 -18.68 23.18
C PRO A 226 -2.92 -19.36 22.04
N ASN A 227 -3.66 -19.60 20.96
CA ASN A 227 -3.07 -20.10 19.73
C ASN A 227 -2.48 -19.00 18.81
N LEU A 228 -2.65 -17.73 19.18
CA LEU A 228 -1.99 -16.63 18.49
C LEU A 228 -1.16 -15.81 19.46
N VAL A 229 -0.05 -15.27 18.99
CA VAL A 229 0.75 -14.30 19.71
C VAL A 229 0.95 -13.04 18.86
N PRO A 230 0.77 -11.86 19.47
CA PRO A 230 1.06 -10.62 18.74
C PRO A 230 2.56 -10.33 18.71
N VAL A 231 3.04 -9.92 17.54
CA VAL A 231 4.44 -9.59 17.31
C VAL A 231 4.48 -8.20 16.71
N ARG A 232 5.37 -7.36 17.21
CA ARG A 232 5.55 -6.01 16.71
C ARG A 232 6.43 -6.06 15.47
N VAL A 233 5.97 -5.46 14.38
CA VAL A 233 6.65 -5.56 13.08
C VAL A 233 6.77 -4.18 12.44
N PHE A 234 7.91 -3.96 11.79
CA PHE A 234 8.18 -2.75 10.98
C PHE A 234 8.42 -3.14 9.54
N MET A 235 7.81 -2.40 8.64
CA MET A 235 7.86 -2.68 7.20
C MET A 235 8.20 -1.37 6.47
N ALA A 236 7.20 -0.61 6.06
CA ALA A 236 7.46 0.56 5.19
C ALA A 236 8.06 1.76 5.92
N HIS A 237 7.90 1.82 7.23
CA HIS A 237 8.55 2.82 8.10
C HIS A 237 9.15 2.15 9.34
N GLN A 238 10.06 2.85 10.00
CA GLN A 238 10.67 2.36 11.23
C GLN A 238 10.55 3.36 12.36
N ASP A 239 9.41 4.04 12.39
CA ASP A 239 8.98 4.90 13.48
C ASP A 239 8.56 3.99 14.64
N LEU A 240 9.42 3.89 15.64
CA LEU A 240 9.27 2.88 16.70
C LEU A 240 8.11 3.12 17.66
N ARG A 241 7.51 4.30 17.56
CA ARG A 241 6.25 4.60 18.24
C ARG A 241 5.07 3.81 17.65
N PHE A 242 5.22 3.33 16.41
CA PHE A 242 4.09 2.80 15.64
C PHE A 242 4.40 1.43 15.05
N PRO A 243 4.65 0.44 15.92
CA PRO A 243 4.74 -0.91 15.38
C PRO A 243 3.38 -1.33 14.82
N ARG A 244 3.40 -2.26 13.87
CA ARG A 244 2.21 -2.94 13.42
C ARG A 244 2.15 -4.30 14.12
N ILE A 245 0.95 -4.75 14.40
CA ILE A 245 0.71 -5.90 15.28
C ILE A 245 0.29 -7.10 14.44
N ALA A 246 1.18 -8.09 14.38
CA ALA A 246 0.99 -9.27 13.54
C ALA A 246 0.78 -10.48 14.43
N PHE A 247 -0.34 -11.15 14.26
CA PHE A 247 -0.57 -12.40 14.99
C PHE A 247 0.02 -13.58 14.24
N PHE A 248 0.85 -14.33 14.95
CA PHE A 248 1.41 -15.59 14.46
C PHE A 248 0.86 -16.75 15.31
N SER A 249 0.69 -17.89 14.66
CA SER A 249 0.26 -19.11 15.37
C SER A 249 1.36 -19.61 16.30
N THR A 250 0.96 -19.99 17.51
CA THR A 250 1.88 -20.47 18.54
C THR A 250 1.99 -22.00 18.54
N ARG A 251 1.15 -22.64 17.74
CA ARG A 251 1.09 -24.08 17.61
C ARG A 251 0.31 -24.41 16.36
N LEU A 252 0.21 -25.69 16.03
CA LEU A 252 -0.71 -26.13 15.00
C LEU A 252 -2.15 -25.77 15.41
N ILE A 253 -2.84 -25.03 14.54
CA ILE A 253 -4.26 -24.70 14.71
C ILE A 253 -5.02 -25.60 13.75
N GLU A 254 -5.86 -26.47 14.31
CA GLU A 254 -6.65 -27.39 13.50
C GLU A 254 -7.84 -26.70 12.82
N ALA A 255 -8.19 -27.17 11.63
CA ALA A 255 -9.37 -26.68 10.90
C ALA A 255 -10.58 -26.68 11.83
N GLY A 256 -11.27 -25.56 11.89
CA GLY A 256 -12.44 -25.36 12.75
C GLY A 256 -12.20 -24.67 14.06
N GLU A 257 -10.93 -24.58 14.50
CA GLU A 257 -10.62 -24.04 15.82
C GLU A 257 -10.83 -22.54 15.85
N GLN A 258 -11.35 -22.06 16.97
CA GLN A 258 -11.46 -20.63 17.25
C GLN A 258 -10.07 -20.05 17.48
N LEU A 259 -9.82 -18.88 16.88
CA LEU A 259 -8.58 -18.14 17.15
C LEU A 259 -8.68 -17.42 18.47
N GLY A 260 -7.55 -17.29 19.17
CA GLY A 260 -7.51 -16.49 20.38
C GLY A 260 -6.14 -15.92 20.66
N PHE A 261 -6.12 -14.74 21.28
CA PHE A 261 -4.86 -14.18 21.81
C PHE A 261 -5.06 -13.71 23.25
N ASP A 262 -3.96 -13.44 23.94
CA ASP A 262 -4.00 -12.97 25.32
C ASP A 262 -4.08 -11.44 25.31
N TYR A 263 -5.26 -10.94 25.61
CA TYR A 263 -5.54 -9.50 25.75
C TYR A 263 -4.64 -8.75 26.73
N GLY A 264 -4.11 -9.47 27.73
CA GLY A 264 -3.15 -8.90 28.66
C GLY A 264 -3.77 -8.32 29.93
N GLU A 265 -2.90 -7.84 30.80
CA GLU A 265 -3.31 -7.46 32.17
C GLU A 265 -4.09 -6.16 32.26
N ARG A 266 -3.84 -5.20 31.37
CA ARG A 266 -4.61 -3.95 31.43
C ARG A 266 -6.07 -4.22 31.13
N PHE A 267 -6.34 -5.01 30.09
CA PHE A 267 -7.70 -5.38 29.74
C PHE A 267 -8.42 -5.99 30.95
N TRP A 268 -7.78 -6.97 31.57
CA TRP A 268 -8.45 -7.74 32.62
C TRP A 268 -8.56 -6.99 33.95
N ASP A 269 -7.57 -6.15 34.26
CA ASP A 269 -7.69 -5.25 35.42
C ASP A 269 -8.97 -4.42 35.35
N ILE A 270 -9.31 -3.96 34.15
CA ILE A 270 -10.49 -3.14 33.91
C ILE A 270 -11.77 -3.99 33.83
N LYS A 271 -11.77 -4.97 32.92
CA LYS A 271 -13.00 -5.69 32.60
C LYS A 271 -13.33 -6.83 33.59
N GLY A 272 -12.34 -7.25 34.37
CA GLY A 272 -12.51 -8.25 35.43
C GLY A 272 -13.55 -7.85 36.47
N LYS A 273 -13.69 -6.55 36.67
CA LYS A 273 -14.75 -5.96 37.52
C LYS A 273 -16.17 -6.19 37.00
N LEU A 274 -16.32 -6.39 35.69
CA LEU A 274 -17.61 -6.56 35.04
C LEU A 274 -17.95 -8.01 34.70
N PHE A 275 -16.95 -8.78 34.26
CA PHE A 275 -17.16 -10.19 33.92
C PHE A 275 -15.87 -10.98 34.04
N SER A 276 -16.04 -12.31 34.13
CA SER A 276 -14.90 -13.22 34.22
CA SER A 276 -14.91 -13.23 34.23
C SER A 276 -14.61 -13.87 32.86
N CYS A 277 -13.39 -14.35 32.72
CA CYS A 277 -12.96 -15.02 31.50
C CYS A 277 -13.72 -16.32 31.27
N ARG A 278 -14.26 -16.49 30.07
CA ARG A 278 -14.93 -17.70 29.68
C ARG A 278 -14.13 -18.54 28.68
N CYS A 279 -12.79 -18.41 28.68
CA CYS A 279 -11.97 -19.16 27.70
C CYS A 279 -12.05 -20.67 27.90
N GLY A 280 -12.30 -21.09 29.15
CA GLY A 280 -12.43 -22.52 29.48
C GLY A 280 -11.13 -23.29 29.63
N SER A 281 -9.99 -22.60 29.61
CA SER A 281 -8.72 -23.30 29.78
C SER A 281 -8.61 -23.83 31.21
N PRO A 282 -8.06 -25.05 31.37
CA PRO A 282 -7.69 -25.48 32.72
C PRO A 282 -6.66 -24.59 33.41
N LYS A 283 -5.92 -23.79 32.63
CA LYS A 283 -4.97 -22.81 33.15
C LYS A 283 -5.48 -21.37 33.02
N CYS A 284 -6.80 -21.17 33.01
CA CYS A 284 -7.39 -19.85 32.94
C CYS A 284 -6.92 -19.00 34.11
N ARG A 285 -6.49 -17.78 33.81
CA ARG A 285 -5.91 -16.88 34.80
C ARG A 285 -6.83 -15.71 35.18
N HIS A 286 -8.03 -15.64 34.58
CA HIS A 286 -8.95 -14.51 34.79
C HIS A 286 -10.39 -14.97 35.12
N SER A 287 -10.51 -16.13 35.76
N SER A 287 -10.45 -16.06 35.90
CA SER A 287 -11.81 -16.67 36.17
CA SER A 287 -11.67 -16.70 36.45
C SER A 287 -11.98 -16.39 37.65
C SER A 287 -12.28 -17.72 35.51
N VAL B 27 24.24 -6.09 -31.64
CA VAL B 27 23.82 -7.00 -30.54
C VAL B 27 23.11 -6.23 -29.42
N GLU B 28 21.82 -6.49 -29.24
CA GLU B 28 21.05 -5.95 -28.11
C GLU B 28 21.37 -6.73 -26.82
N ARG B 29 22.08 -6.08 -25.91
CA ARG B 29 22.47 -6.66 -24.62
C ARG B 29 21.35 -6.47 -23.59
N ILE B 30 20.95 -7.55 -22.92
CA ILE B 30 20.02 -7.45 -21.79
C ILE B 30 20.82 -7.13 -20.54
N VAL B 31 20.66 -5.92 -20.00
CA VAL B 31 21.45 -5.47 -18.84
C VAL B 31 20.71 -5.57 -17.50
N SER B 32 19.41 -5.79 -17.55
CA SER B 32 18.66 -6.20 -16.35
C SER B 32 17.36 -6.84 -16.76
N ARG B 33 16.98 -7.96 -16.11
CA ARG B 33 15.67 -8.54 -16.35
C ARG B 33 14.52 -7.73 -15.72
N ASP B 34 14.83 -6.92 -14.71
CA ASP B 34 13.81 -6.14 -14.01
C ASP B 34 14.39 -4.99 -13.18
N ILE B 35 14.29 -3.76 -13.69
CA ILE B 35 14.77 -2.61 -12.95
C ILE B 35 13.96 -2.34 -11.68
N ALA B 36 12.75 -2.89 -11.62
CA ALA B 36 11.87 -2.73 -10.44
C ALA B 36 12.07 -3.80 -9.38
N ARG B 37 12.95 -4.78 -9.61
CA ARG B 37 13.31 -5.79 -8.59
C ARG B 37 12.07 -6.49 -8.02
N GLY B 38 11.09 -6.77 -8.88
CA GLY B 38 9.90 -7.49 -8.50
C GLY B 38 8.79 -6.69 -7.82
N TYR B 39 8.95 -5.39 -7.72
CA TYR B 39 7.93 -4.56 -7.10
C TYR B 39 6.69 -4.34 -7.98
N GLU B 40 6.83 -4.44 -9.29
CA GLU B 40 5.66 -4.26 -10.19
C GLU B 40 5.04 -5.63 -10.52
N ARG B 41 3.83 -5.61 -11.09
CA ARG B 41 3.12 -6.86 -11.45
C ARG B 41 3.87 -7.63 -12.56
N ILE B 42 4.64 -6.92 -13.38
CA ILE B 42 5.45 -7.53 -14.42
C ILE B 42 6.85 -6.94 -14.34
N PRO B 43 7.83 -7.64 -14.90
CA PRO B 43 9.17 -7.07 -14.88
C PRO B 43 9.30 -5.93 -15.90
N ILE B 44 10.24 -5.05 -15.65
CA ILE B 44 10.60 -4.00 -16.59
C ILE B 44 12.07 -4.19 -16.95
N PRO B 45 12.34 -4.98 -18.01
CA PRO B 45 13.73 -5.22 -18.37
C PRO B 45 14.43 -3.97 -18.91
N CYS B 46 15.77 -3.98 -18.90
CA CYS B 46 16.57 -2.92 -19.48
C CYS B 46 17.46 -3.55 -20.54
N VAL B 47 17.50 -2.95 -21.72
CA VAL B 47 18.36 -3.42 -22.83
C VAL B 47 19.15 -2.26 -23.40
N ASN B 48 20.25 -2.57 -24.07
CA ASN B 48 21.08 -1.56 -24.68
C ASN B 48 21.66 -2.18 -25.94
N ALA B 49 21.15 -1.76 -27.09
CA ALA B 49 21.68 -2.16 -28.39
C ALA B 49 22.48 -1.04 -29.06
N VAL B 50 22.90 -0.03 -28.30
CA VAL B 50 23.52 1.17 -28.86
C VAL B 50 24.97 1.38 -28.42
N ASP B 51 25.24 1.22 -27.14
CA ASP B 51 26.56 1.53 -26.58
C ASP B 51 26.87 0.64 -25.37
N SER B 52 27.94 0.95 -24.65
CA SER B 52 28.39 0.15 -23.50
CA SER B 52 28.38 0.14 -23.50
C SER B 52 27.92 0.70 -22.15
N GLU B 53 26.97 1.64 -22.16
CA GLU B 53 26.43 2.17 -20.90
C GLU B 53 25.72 1.06 -20.11
N PRO B 54 26.09 0.87 -18.84
CA PRO B 54 25.41 -0.15 -18.04
C PRO B 54 24.03 0.34 -17.63
N CYS B 55 23.21 -0.58 -17.12
CA CYS B 55 21.88 -0.24 -16.58
C CYS B 55 22.01 0.95 -15.60
N PRO B 56 21.13 1.97 -15.71
CA PRO B 56 21.28 3.13 -14.82
C PRO B 56 21.19 2.78 -13.35
N SER B 57 22.06 3.37 -12.54
CA SER B 57 22.11 3.06 -11.10
C SER B 57 22.35 4.28 -10.20
N ASN B 58 22.17 5.49 -10.73
CA ASN B 58 22.39 6.73 -9.96
C ASN B 58 21.11 7.27 -9.31
N TYR B 59 20.12 6.40 -9.13
CA TYR B 59 18.85 6.76 -8.51
C TYR B 59 18.39 5.49 -7.80
N LYS B 60 17.35 5.62 -6.98
CA LYS B 60 16.72 4.46 -6.35
C LYS B 60 15.36 4.21 -6.98
N TYR B 61 15.13 2.99 -7.49
CA TYR B 61 13.82 2.65 -8.06
C TYR B 61 12.83 2.47 -6.90
N VAL B 62 11.72 3.21 -6.93
CA VAL B 62 10.60 3.03 -6.01
C VAL B 62 9.32 2.93 -6.83
N SER B 63 8.43 2.03 -6.45
CA SER B 63 7.20 1.83 -7.21
C SER B 63 6.07 2.76 -6.78
N GLN B 64 6.23 3.41 -5.63
CA GLN B 64 5.24 4.31 -5.05
CA GLN B 64 5.23 4.36 -5.14
C GLN B 64 5.93 5.61 -4.60
N ASN B 65 5.18 6.71 -4.56
CA ASN B 65 5.75 7.99 -4.15
C ASN B 65 6.31 7.93 -2.73
N CYS B 66 7.36 8.70 -2.51
CA CYS B 66 7.99 8.84 -1.19
C CYS B 66 8.19 10.29 -0.83
N VAL B 67 8.63 10.53 0.40
CA VAL B 67 9.03 11.86 0.86
C VAL B 67 10.38 11.77 1.55
N THR B 68 11.09 12.89 1.59
CA THR B 68 12.18 13.08 2.52
C THR B 68 11.57 13.99 3.61
N SER B 69 11.61 15.31 3.45
CA SER B 69 10.94 16.23 4.40
C SER B 69 9.43 15.97 4.41
N PRO B 70 8.78 16.07 5.58
CA PRO B 70 7.37 15.68 5.71
C PRO B 70 6.39 16.51 4.85
N MET B 71 5.35 15.91 4.29
N MET B 71 5.54 15.76 4.16
CA MET B 71 4.39 16.67 3.46
CA MET B 71 4.36 16.26 3.52
C MET B 71 3.03 16.97 4.12
C MET B 71 3.24 15.86 4.46
N ASN B 72 2.75 16.36 5.27
N ASN B 72 2.49 16.85 4.92
CA ASN B 72 1.45 16.50 5.96
CA ASN B 72 1.44 16.57 5.87
C ASN B 72 0.22 16.27 5.05
C ASN B 72 0.17 16.21 5.13
N ILE B 73 0.26 15.18 4.28
CA ILE B 73 -0.87 14.78 3.43
C ILE B 73 -2.05 14.45 4.35
N ASP B 74 -3.23 14.94 4.00
CA ASP B 74 -4.41 14.74 4.83
C ASP B 74 -4.91 13.32 4.61
N ARG B 75 -4.72 12.47 5.62
CA ARG B 75 -5.16 11.08 5.55
CA ARG B 75 -5.11 11.05 5.61
C ARG B 75 -6.24 10.78 6.59
N ASN B 76 -6.90 11.83 7.09
CA ASN B 76 -8.05 11.64 7.96
C ASN B 76 -9.13 10.89 7.18
N ILE B 77 -9.45 9.67 7.59
CA ILE B 77 -10.42 8.84 6.86
C ILE B 77 -11.81 9.47 6.77
N THR B 78 -12.18 10.29 7.76
CA THR B 78 -13.49 10.95 7.73
C THR B 78 -13.55 12.14 6.75
N HIS B 79 -12.41 12.54 6.15
CA HIS B 79 -12.38 13.58 5.12
C HIS B 79 -12.58 13.05 3.70
N LEU B 80 -12.59 11.73 3.54
CA LEU B 80 -12.84 11.16 2.23
C LEU B 80 -14.29 11.30 1.85
N GLN B 81 -14.52 11.76 0.63
CA GLN B 81 -15.81 11.56 -0.02
C GLN B 81 -15.80 10.14 -0.58
N TYR B 82 -16.96 9.48 -0.50
CA TYR B 82 -17.06 8.06 -0.83
C TYR B 82 -18.43 7.80 -1.42
N CYS B 83 -18.60 6.63 -1.99
CA CYS B 83 -19.88 6.27 -2.56
C CYS B 83 -20.58 5.19 -1.75
N VAL B 84 -21.88 5.07 -2.01
CA VAL B 84 -22.76 4.14 -1.28
C VAL B 84 -23.36 3.10 -2.22
N CYS B 85 -22.64 2.82 -3.31
CA CYS B 85 -23.16 1.97 -4.36
C CYS B 85 -23.45 0.52 -3.91
N ILE B 86 -24.56 -0.02 -4.41
CA ILE B 86 -24.98 -1.39 -4.13
C ILE B 86 -24.64 -2.32 -5.28
N ASP B 87 -23.99 -1.80 -6.32
CA ASP B 87 -23.65 -2.55 -7.52
C ASP B 87 -22.12 -2.50 -7.66
N ASP B 88 -21.62 -2.52 -8.89
CA ASP B 88 -20.18 -2.48 -9.20
C ASP B 88 -19.70 -1.08 -9.63
N CYS B 89 -20.41 -0.04 -9.19
CA CYS B 89 -20.08 1.36 -9.52
C CYS B 89 -20.11 1.64 -11.02
N SER B 90 -20.96 0.93 -11.77
CA SER B 90 -21.09 1.20 -13.21
C SER B 90 -22.36 2.01 -13.53
N SER B 91 -23.14 2.37 -12.53
CA SER B 91 -24.38 3.13 -12.76
C SER B 91 -24.10 4.62 -12.80
N SER B 92 -25.10 5.36 -13.30
CA SER B 92 -25.14 6.80 -13.27
C SER B 92 -25.00 7.42 -11.88
N ASN B 93 -25.34 6.65 -10.85
CA ASN B 93 -25.50 7.19 -9.50
C ASN B 93 -24.25 7.13 -8.61
N CYS B 94 -23.13 6.61 -9.11
CA CYS B 94 -21.93 6.50 -8.26
C CYS B 94 -21.39 7.89 -7.89
N MET B 95 -21.37 8.19 -6.60
CA MET B 95 -20.89 9.49 -6.10
CA MET B 95 -20.92 9.50 -6.16
C MET B 95 -19.44 9.75 -6.48
N CYS B 96 -18.63 8.70 -6.57
CA CYS B 96 -17.22 8.88 -6.95
C CYS B 96 -17.09 9.22 -8.44
N GLY B 97 -17.93 8.59 -9.26
CA GLY B 97 -17.99 8.97 -10.67
C GLY B 97 -18.45 10.43 -10.83
N GLN B 98 -19.41 10.86 -10.02
CA GLN B 98 -19.92 12.24 -10.09
CA GLN B 98 -19.91 12.25 -10.08
C GLN B 98 -18.81 13.26 -9.82
N LEU B 99 -17.92 12.95 -8.88
CA LEU B 99 -16.78 13.82 -8.56
C LEU B 99 -15.85 13.97 -9.76
N SER B 100 -15.77 12.90 -10.54
CA SER B 100 -14.96 12.79 -11.74
C SER B 100 -15.67 13.37 -12.98
N MET B 101 -16.82 14.05 -12.78
CA MET B 101 -17.85 14.34 -13.80
C MET B 101 -18.78 13.13 -14.13
N ARG B 102 -18.17 12.06 -14.60
CA ARG B 102 -18.77 10.73 -14.64
C ARG B 102 -17.58 9.79 -14.45
N CYS B 103 -17.84 8.51 -14.15
CA CYS B 103 -16.78 7.51 -14.24
C CYS B 103 -16.34 7.36 -15.69
N TRP B 104 -15.05 7.53 -15.95
CA TRP B 104 -14.52 7.49 -17.31
C TRP B 104 -14.03 6.12 -17.76
N TYR B 105 -14.14 5.12 -16.89
CA TYR B 105 -13.58 3.82 -17.17
C TYR B 105 -14.62 2.85 -17.71
N ASP B 106 -14.27 2.13 -18.78
CA ASP B 106 -15.12 1.08 -19.31
C ASP B 106 -14.89 -0.25 -18.56
N LYS B 107 -15.57 -1.31 -18.99
CA LYS B 107 -15.46 -2.63 -18.32
C LYS B 107 -14.04 -3.22 -18.31
N ASP B 108 -13.21 -2.79 -19.26
CA ASP B 108 -11.81 -3.25 -19.37
C ASP B 108 -10.79 -2.30 -18.72
N GLY B 109 -11.28 -1.27 -18.04
CA GLY B 109 -10.44 -0.31 -17.35
C GLY B 109 -9.89 0.78 -18.25
N ARG B 110 -10.44 0.95 -19.45
CA ARG B 110 -9.94 1.97 -20.39
C ARG B 110 -10.84 3.20 -20.38
N LEU B 111 -10.24 4.35 -20.65
CA LEU B 111 -11.00 5.60 -20.71
C LEU B 111 -11.99 5.55 -21.88
N LEU B 112 -13.17 6.09 -21.65
CA LEU B 112 -14.21 6.12 -22.69
C LEU B 112 -13.74 6.98 -23.86
N PRO B 113 -14.23 6.71 -25.08
CA PRO B 113 -13.91 7.54 -26.26
C PRO B 113 -14.12 9.05 -26.08
N GLU B 114 -15.08 9.43 -25.23
CA GLU B 114 -15.45 10.84 -25.03
C GLU B 114 -14.52 11.57 -24.06
N PHE B 115 -13.62 10.83 -23.41
CA PHE B 115 -12.64 11.45 -22.52
C PHE B 115 -11.84 12.50 -23.25
N ASN B 116 -11.74 13.69 -22.64
CA ASN B 116 -11.07 14.80 -23.28
C ASN B 116 -9.55 14.77 -23.01
N MET B 117 -8.79 14.22 -23.95
CA MET B 117 -7.31 14.10 -23.87
C MET B 117 -6.61 15.47 -23.82
N ALA B 118 -7.22 16.47 -24.42
CA ALA B 118 -6.66 17.83 -24.41
C ALA B 118 -6.92 18.61 -23.13
N GLU B 119 -7.89 18.18 -22.32
N GLU B 119 -7.84 18.12 -22.30
CA GLU B 119 -8.20 18.87 -21.08
CA GLU B 119 -8.36 18.85 -21.16
C GLU B 119 -8.80 17.87 -20.10
C GLU B 119 -8.87 17.82 -20.13
N PRO B 120 -7.97 16.95 -19.60
CA PRO B 120 -8.48 15.85 -18.75
C PRO B 120 -9.09 16.33 -17.43
N PRO B 121 -10.21 15.71 -17.00
CA PRO B 121 -10.76 15.98 -15.69
C PRO B 121 -9.92 15.33 -14.59
N LEU B 122 -10.15 15.74 -13.35
CA LEU B 122 -9.58 15.04 -12.19
C LEU B 122 -10.39 13.77 -12.00
N ILE B 123 -9.71 12.64 -11.79
CA ILE B 123 -10.38 11.36 -11.56
C ILE B 123 -10.35 11.03 -10.07
N PHE B 124 -11.52 10.74 -9.50
CA PHE B 124 -11.61 10.23 -8.14
C PHE B 124 -11.99 8.75 -8.22
N GLU B 125 -11.02 7.88 -7.96
CA GLU B 125 -11.31 6.45 -7.89
C GLU B 125 -11.96 6.12 -6.57
N CYS B 126 -12.61 4.96 -6.53
CA CYS B 126 -13.18 4.48 -5.30
C CYS B 126 -12.10 4.15 -4.30
N ASN B 127 -12.48 4.13 -3.04
CA ASN B 127 -11.53 4.02 -1.95
C ASN B 127 -12.07 3.15 -0.84
N HIS B 128 -11.29 3.02 0.22
CA HIS B 128 -11.60 2.13 1.33
C HIS B 128 -12.75 2.64 2.21
N ALA B 129 -13.18 3.89 2.04
CA ALA B 129 -14.40 4.38 2.71
C ALA B 129 -15.68 4.08 1.95
N CYS B 130 -15.58 3.78 0.66
CA CYS B 130 -16.74 3.45 -0.16
C CYS B 130 -17.42 2.17 0.28
N SER B 131 -18.72 2.07 -0.01
CA SER B 131 -19.50 0.89 0.35
C SER B 131 -19.32 -0.28 -0.64
N CYS B 132 -18.79 0.03 -1.81
CA CYS B 132 -18.59 -0.95 -2.88
C CYS B 132 -17.44 -1.93 -2.56
N TRP B 133 -17.28 -2.91 -3.44
CA TRP B 133 -16.27 -3.94 -3.29
C TRP B 133 -14.99 -3.51 -4.01
N ARG B 134 -13.90 -4.20 -3.65
CA ARG B 134 -12.58 -3.87 -4.15
C ARG B 134 -12.43 -4.09 -5.66
N ASN B 135 -13.33 -4.87 -6.26
CA ASN B 135 -13.30 -5.13 -7.72
C ASN B 135 -14.30 -4.29 -8.52
N CYS B 136 -14.75 -3.17 -7.97
CA CYS B 136 -15.73 -2.33 -8.67
C CYS B 136 -15.06 -1.69 -9.90
N ARG B 137 -15.90 -1.11 -10.73
CA ARG B 137 -15.49 -0.53 -12.01
C ARG B 137 -14.54 0.66 -11.87
N ASN B 138 -14.67 1.42 -10.78
CA ASN B 138 -14.00 2.69 -10.64
C ASN B 138 -12.66 2.60 -9.91
N ARG B 139 -11.86 1.64 -10.33
CA ARG B 139 -10.57 1.33 -9.72
C ARG B 139 -9.69 0.82 -10.87
N VAL B 140 -8.70 1.60 -11.26
CA VAL B 140 -7.78 1.23 -12.34
C VAL B 140 -6.36 1.56 -11.93
N VAL B 141 -6.11 2.84 -11.68
CA VAL B 141 -4.75 3.28 -11.32
C VAL B 141 -4.30 2.62 -10.00
N GLN B 142 -5.22 2.46 -9.06
CA GLN B 142 -4.91 1.81 -7.79
C GLN B 142 -4.53 0.33 -7.92
N ASN B 143 -4.80 -0.27 -9.07
CA ASN B 143 -4.43 -1.67 -9.32
C ASN B 143 -3.02 -1.85 -9.88
N GLY B 144 -2.36 -0.75 -10.21
CA GLY B 144 -0.96 -0.76 -10.59
C GLY B 144 -0.68 -1.03 -12.06
N LEU B 145 0.61 -0.93 -12.36
CA LEU B 145 1.12 -1.05 -13.71
C LEU B 145 0.89 -2.47 -14.21
N ARG B 146 0.34 -2.59 -15.41
N ARG B 146 0.34 -2.59 -15.41
CA ARG B 146 0.12 -3.88 -16.08
CA ARG B 146 0.10 -3.87 -16.08
C ARG B 146 0.76 -4.04 -17.45
C ARG B 146 0.79 -4.04 -17.43
N ALA B 147 1.05 -2.94 -18.13
CA ALA B 147 1.60 -3.00 -19.48
C ALA B 147 3.02 -3.50 -19.46
N ARG B 148 3.39 -4.25 -20.49
N ARG B 148 3.41 -4.23 -20.49
CA ARG B 148 4.76 -4.73 -20.66
CA ARG B 148 4.76 -4.72 -20.58
C ARG B 148 5.62 -3.61 -21.20
C ARG B 148 5.65 -3.64 -21.20
N LEU B 149 6.48 -3.04 -20.35
CA LEU B 149 7.37 -1.94 -20.74
C LEU B 149 8.81 -2.38 -20.73
N GLN B 150 9.67 -1.58 -21.37
CA GLN B 150 11.09 -1.87 -21.39
C GLN B 150 11.89 -0.60 -21.42
N LEU B 151 12.92 -0.53 -20.57
CA LEU B 151 13.86 0.56 -20.57
C LEU B 151 14.90 0.23 -21.63
N TYR B 152 15.18 1.16 -22.54
CA TYR B 152 16.14 0.88 -23.61
C TYR B 152 16.99 2.09 -23.93
N ARG B 153 18.14 1.84 -24.56
CA ARG B 153 19.06 2.91 -24.94
C ARG B 153 18.65 3.42 -26.32
N THR B 154 18.32 4.70 -26.40
CA THR B 154 17.97 5.35 -27.67
C THR B 154 19.28 5.76 -28.34
N ARG B 155 19.20 6.09 -29.63
CA ARG B 155 20.37 6.55 -30.37
C ARG B 155 20.84 7.96 -29.98
N ASP B 156 19.93 8.89 -29.68
CA ASP B 156 20.35 10.25 -29.37
C ASP B 156 19.60 10.99 -28.25
N MET B 157 18.83 10.27 -27.43
CA MET B 157 18.10 10.87 -26.32
C MET B 157 18.30 10.07 -25.03
N GLY B 158 19.51 9.52 -24.84
CA GLY B 158 19.81 8.73 -23.63
C GLY B 158 18.91 7.51 -23.50
N TRP B 159 18.45 7.24 -22.29
CA TRP B 159 17.53 6.15 -22.06
C TRP B 159 16.13 6.60 -22.44
N GLY B 160 15.33 5.65 -22.88
CA GLY B 160 13.91 5.83 -23.13
C GLY B 160 13.11 4.63 -22.67
N VAL B 161 11.78 4.71 -22.79
CA VAL B 161 10.91 3.59 -22.44
C VAL B 161 10.07 3.25 -23.65
N ARG B 162 9.97 1.96 -23.97
CA ARG B 162 9.08 1.48 -25.02
C ARG B 162 8.06 0.48 -24.49
N SER B 163 6.97 0.31 -25.22
CA SER B 163 6.05 -0.75 -24.96
C SER B 163 6.50 -1.98 -25.71
N LEU B 164 6.42 -3.15 -25.08
CA LEU B 164 6.68 -4.44 -25.75
C LEU B 164 5.42 -5.09 -26.34
N GLN B 165 4.26 -4.45 -26.17
CA GLN B 165 2.96 -4.95 -26.63
C GLN B 165 2.16 -3.80 -27.24
N ASP B 166 1.14 -4.14 -28.02
CA ASP B 166 0.15 -3.15 -28.41
C ASP B 166 -0.60 -2.67 -27.17
N ILE B 167 -0.77 -1.36 -27.06
CA ILE B 167 -1.57 -0.76 -26.00
C ILE B 167 -2.76 -0.04 -26.63
N PRO B 168 -3.99 -0.51 -26.37
CA PRO B 168 -5.14 0.19 -26.93
C PRO B 168 -5.30 1.62 -26.40
N PRO B 169 -6.00 2.49 -27.15
CA PRO B 169 -6.28 3.84 -26.63
C PRO B 169 -6.99 3.86 -25.26
N GLY B 170 -6.62 4.83 -24.45
CA GLY B 170 -7.22 5.04 -23.15
C GLY B 170 -6.80 4.06 -22.07
N THR B 171 -5.67 3.38 -22.26
CA THR B 171 -5.20 2.37 -21.30
C THR B 171 -4.27 3.05 -20.29
N PHE B 172 -4.42 2.71 -19.01
CA PHE B 172 -3.43 3.12 -17.99
C PHE B 172 -2.08 2.47 -18.25
N VAL B 173 -1.02 3.28 -18.40
CA VAL B 173 0.28 2.76 -18.76
C VAL B 173 1.21 2.75 -17.54
N CYS B 174 1.39 3.90 -16.90
CA CYS B 174 2.21 3.96 -15.70
C CYS B 174 1.97 5.27 -14.96
N GLU B 175 2.38 5.31 -13.69
CA GLU B 175 2.25 6.51 -12.86
C GLU B 175 3.60 7.26 -12.86
N TYR B 176 3.59 8.59 -12.82
CA TYR B 176 4.82 9.36 -12.60
C TYR B 176 5.08 9.33 -11.10
N VAL B 177 6.04 8.51 -10.69
CA VAL B 177 6.36 8.31 -9.29
C VAL B 177 7.71 8.89 -8.96
N GLY B 178 7.79 9.53 -7.79
CA GLY B 178 9.05 10.04 -7.30
C GLY B 178 8.93 10.56 -5.88
N GLU B 179 9.79 11.51 -5.57
CA GLU B 179 9.82 12.18 -4.29
C GLU B 179 8.93 13.40 -4.30
N LEU B 180 7.95 13.45 -3.37
CA LEU B 180 7.05 14.60 -3.25
CA LEU B 180 7.06 14.59 -3.27
C LEU B 180 7.76 15.73 -2.52
N ILE B 181 7.86 16.90 -3.17
CA ILE B 181 8.55 18.06 -2.58
C ILE B 181 7.76 19.35 -2.78
N SER B 182 8.04 20.35 -1.93
CA SER B 182 7.43 21.66 -2.08
C SER B 182 8.08 22.39 -3.26
N ASP B 183 7.37 23.40 -3.76
CA ASP B 183 7.95 24.30 -4.78
C ASP B 183 9.22 25.03 -4.29
N SER B 184 9.28 25.36 -3.00
CA SER B 184 10.47 25.99 -2.41
CA SER B 184 10.48 25.99 -2.42
C SER B 184 11.68 25.07 -2.45
N GLU B 185 11.45 23.77 -2.24
CA GLU B 185 12.50 22.79 -2.35
C GLU B 185 12.95 22.63 -3.80
N ALA B 186 11.98 22.58 -4.72
CA ALA B 186 12.29 22.48 -6.15
C ALA B 186 13.17 23.65 -6.59
N ASP B 187 12.90 24.84 -6.05
CA ASP B 187 13.68 26.06 -6.35
C ASP B 187 15.16 26.02 -5.94
N VAL B 188 15.54 25.12 -5.04
CA VAL B 188 16.95 24.99 -4.60
C VAL B 188 17.59 23.67 -5.05
N ARG B 189 16.95 22.97 -5.98
CA ARG B 189 17.51 21.76 -6.53
C ARG B 189 18.08 22.09 -7.88
N GLU B 190 19.36 21.76 -8.07
CA GLU B 190 20.07 22.02 -9.32
C GLU B 190 19.57 21.17 -10.48
N GLU B 191 19.26 19.90 -10.21
CA GLU B 191 18.81 19.00 -11.26
CA GLU B 191 18.81 18.96 -11.24
C GLU B 191 17.29 19.00 -11.32
N ASP B 192 16.77 19.72 -12.32
CA ASP B 192 15.34 19.90 -12.52
C ASP B 192 14.83 19.19 -13.78
N SER B 193 15.63 18.28 -14.34
CA SER B 193 15.25 17.54 -15.55
C SER B 193 14.24 16.41 -15.29
N TYR B 194 13.99 16.06 -14.01
CA TYR B 194 13.05 14.99 -13.63
C TYR B 194 11.97 15.50 -12.67
N LEU B 195 11.42 16.67 -12.96
N LEU B 195 11.38 16.64 -13.01
CA LEU B 195 10.42 17.31 -12.11
CA LEU B 195 10.44 17.33 -12.15
C LEU B 195 9.09 17.37 -12.83
C LEU B 195 9.08 17.41 -12.83
N PHE B 196 8.01 17.03 -12.12
CA PHE B 196 6.65 17.16 -12.62
C PHE B 196 5.90 18.09 -11.67
N ASP B 197 5.34 19.17 -12.19
CA ASP B 197 4.59 20.13 -11.38
C ASP B 197 3.17 19.64 -11.10
N LEU B 198 2.75 19.62 -9.84
N LEU B 198 2.78 19.71 -9.83
CA LEU B 198 1.42 19.08 -9.52
CA LEU B 198 1.38 19.49 -9.39
C LEU B 198 0.28 20.05 -9.79
C LEU B 198 0.66 20.80 -9.07
N ASP B 199 0.60 21.34 -9.86
N ASP B 199 -0.40 21.10 -9.83
CA ASP B 199 -0.43 22.35 -10.02
CA ASP B 199 -1.24 22.28 -9.61
C ASP B 199 0.04 23.49 -10.92
C ASP B 199 -0.64 23.49 -10.33
N GLY B 203 -1.05 28.84 -4.98
CA GLY B 203 -0.79 29.03 -3.56
C GLY B 203 0.28 28.07 -3.04
N GLU B 204 -0.13 27.11 -2.21
CA GLU B 204 0.77 26.03 -1.76
C GLU B 204 0.89 24.96 -2.85
N VAL B 205 2.01 24.97 -3.57
CA VAL B 205 2.21 24.12 -4.77
C VAL B 205 3.37 23.12 -4.53
N TYR B 206 3.23 21.93 -5.13
CA TYR B 206 4.15 20.80 -4.93
C TYR B 206 4.58 20.21 -6.27
N CYS B 207 5.67 19.43 -6.22
CA CYS B 207 6.21 18.76 -7.37
C CYS B 207 6.51 17.32 -7.03
N ILE B 208 6.62 16.50 -8.07
CA ILE B 208 7.22 15.20 -7.94
C ILE B 208 8.62 15.25 -8.55
N ASP B 209 9.65 15.05 -7.74
CA ASP B 209 11.04 14.98 -8.24
C ASP B 209 11.48 13.54 -8.34
N ALA B 210 11.69 13.07 -9.57
CA ALA B 210 12.11 11.69 -9.80
C ALA B 210 13.61 11.50 -10.00
N ARG B 211 14.40 12.54 -9.72
CA ARG B 211 15.86 12.46 -9.89
C ARG B 211 16.50 11.39 -9.01
N PHE B 212 16.18 11.43 -7.72
CA PHE B 212 16.83 10.56 -6.75
C PHE B 212 16.05 9.30 -6.42
N TYR B 213 14.72 9.42 -6.42
CA TYR B 213 13.82 8.31 -6.19
C TYR B 213 12.79 8.41 -7.29
N GLY B 214 12.59 7.32 -8.03
CA GLY B 214 11.57 7.33 -9.08
C GLY B 214 11.29 5.97 -9.64
N ASN B 215 10.26 5.86 -10.48
CA ASN B 215 9.95 4.61 -11.14
C ASN B 215 10.29 4.74 -12.63
N VAL B 216 9.76 3.81 -13.44
CA VAL B 216 10.04 3.73 -14.88
C VAL B 216 9.74 5.06 -15.62
N SER B 217 8.77 5.82 -15.10
CA SER B 217 8.36 7.06 -15.77
C SER B 217 9.44 8.12 -15.87
N ARG B 218 10.41 8.10 -14.95
CA ARG B 218 11.53 9.04 -15.00
C ARG B 218 12.34 8.93 -16.30
N PHE B 219 12.23 7.82 -17.00
CA PHE B 219 12.97 7.60 -18.24
C PHE B 219 12.19 7.94 -19.52
N ILE B 220 10.93 8.35 -19.36
CA ILE B 220 10.10 8.66 -20.52
C ILE B 220 10.52 10.01 -21.12
N ASN B 221 10.87 10.00 -22.40
CA ASN B 221 11.23 11.20 -23.12
C ASN B 221 10.05 12.05 -23.56
N HIS B 222 10.33 13.32 -23.84
CA HIS B 222 9.32 14.27 -24.28
C HIS B 222 9.00 14.05 -25.75
N HIS B 223 7.71 14.14 -26.09
CA HIS B 223 7.27 14.14 -27.47
C HIS B 223 6.18 15.20 -27.67
N CYS B 224 6.24 15.91 -28.79
CA CYS B 224 5.32 17.04 -29.04
C CYS B 224 3.93 16.62 -29.49
N GLU B 225 3.81 15.40 -30.01
CA GLU B 225 2.53 14.74 -30.33
C GLU B 225 2.45 13.43 -29.56
N PRO B 226 2.28 13.54 -28.24
CA PRO B 226 2.57 12.39 -27.38
C PRO B 226 1.55 11.27 -27.38
N ASN B 227 2.05 10.05 -27.19
CA ASN B 227 1.18 8.89 -27.06
C ASN B 227 0.69 8.66 -25.63
N LEU B 228 1.16 9.46 -24.68
CA LEU B 228 0.67 9.44 -23.30
C LEU B 228 0.20 10.81 -22.87
N VAL B 229 -0.80 10.85 -22.00
CA VAL B 229 -1.30 12.08 -21.40
C VAL B 229 -1.36 11.87 -19.89
N PRO B 230 -0.87 12.84 -19.10
CA PRO B 230 -0.96 12.73 -17.64
C PRO B 230 -2.33 13.17 -17.14
N VAL B 231 -2.88 12.37 -16.23
CA VAL B 231 -4.18 12.62 -15.64
C VAL B 231 -3.99 12.66 -14.12
N ARG B 232 -4.56 13.66 -13.47
N ARG B 232 -4.56 13.66 -13.46
CA ARG B 232 -4.53 13.77 -12.01
CA ARG B 232 -4.53 13.76 -12.01
C ARG B 232 -5.59 12.83 -11.41
C ARG B 232 -5.59 12.85 -11.39
N VAL B 233 -5.15 12.00 -10.47
CA VAL B 233 -6.00 10.95 -9.90
C VAL B 233 -5.91 10.93 -8.38
N PHE B 234 -7.05 10.71 -7.73
CA PHE B 234 -7.10 10.50 -6.29
C PHE B 234 -7.61 9.09 -5.99
N MET B 235 -6.98 8.47 -5.00
CA MET B 235 -7.29 7.12 -4.60
C MET B 235 -7.44 7.05 -3.08
N ALA B 236 -6.37 6.78 -2.34
CA ALA B 236 -6.48 6.53 -0.89
C ALA B 236 -6.70 7.80 -0.06
N HIS B 237 -6.35 8.95 -0.62
CA HIS B 237 -6.61 10.25 -0.01
C HIS B 237 -7.16 11.17 -1.09
N GLN B 238 -7.76 12.28 -0.64
CA GLN B 238 -8.27 13.31 -1.56
C GLN B 238 -7.76 14.71 -1.19
N ASP B 239 -6.53 14.77 -0.72
CA ASP B 239 -5.81 16.02 -0.51
C ASP B 239 -5.43 16.61 -1.85
N LEU B 240 -6.12 17.69 -2.24
CA LEU B 240 -6.00 18.24 -3.59
C LEU B 240 -4.62 18.86 -3.91
N ARG B 241 -3.81 19.08 -2.89
CA ARG B 241 -2.41 19.47 -3.08
C ARG B 241 -1.55 18.37 -3.72
N PHE B 242 -1.99 17.11 -3.57
CA PHE B 242 -1.19 15.94 -3.93
C PHE B 242 -1.92 14.96 -4.86
N PRO B 243 -2.34 15.43 -6.03
CA PRO B 243 -2.82 14.47 -7.02
C PRO B 243 -1.71 13.50 -7.41
N ARG B 244 -2.07 12.29 -7.77
CA ARG B 244 -1.13 11.35 -8.36
C ARG B 244 -1.27 11.44 -9.86
N ILE B 245 -0.16 11.23 -10.55
CA ILE B 245 -0.08 11.47 -11.97
C ILE B 245 -0.06 10.15 -12.74
N ALA B 246 -1.16 9.86 -13.43
CA ALA B 246 -1.32 8.61 -14.17
C ALA B 246 -1.26 8.89 -15.66
N PHE B 247 -0.35 8.21 -16.36
CA PHE B 247 -0.29 8.31 -17.82
C PHE B 247 -1.22 7.30 -18.47
N PHE B 248 -2.07 7.79 -19.37
CA PHE B 248 -2.93 6.96 -20.19
C PHE B 248 -2.55 7.11 -21.65
N SER B 249 -2.72 6.05 -22.44
CA SER B 249 -2.45 6.15 -23.87
C SER B 249 -3.48 7.05 -24.57
N THR B 250 -3.00 7.90 -25.48
CA THR B 250 -3.85 8.83 -26.21
C THR B 250 -4.33 8.24 -27.55
N ARG B 251 -3.80 7.07 -27.90
CA ARG B 251 -4.06 6.38 -29.16
C ARG B 251 -3.53 4.96 -29.01
N LEU B 252 -3.76 4.14 -30.02
CA LEU B 252 -3.11 2.85 -30.09
C LEU B 252 -1.60 3.00 -30.12
N ILE B 253 -0.91 2.40 -29.17
CA ILE B 253 0.56 2.35 -29.16
C ILE B 253 0.97 0.96 -29.66
N GLU B 254 1.69 0.91 -30.77
CA GLU B 254 2.14 -0.37 -31.33
C GLU B 254 3.32 -0.94 -30.56
N ALA B 255 3.37 -2.26 -30.47
CA ALA B 255 4.51 -2.94 -29.87
C ALA B 255 5.80 -2.41 -30.47
N GLY B 256 6.76 -2.08 -29.60
CA GLY B 256 8.05 -1.54 -29.99
C GLY B 256 8.16 -0.03 -29.93
N GLU B 257 7.03 0.67 -29.90
CA GLU B 257 7.03 2.15 -29.93
C GLU B 257 7.54 2.75 -28.63
N GLN B 258 8.32 3.83 -28.77
CA GLN B 258 8.73 4.60 -27.61
C GLN B 258 7.54 5.35 -27.00
N LEU B 259 7.48 5.35 -25.67
CA LEU B 259 6.51 6.17 -24.96
C LEU B 259 6.96 7.62 -24.93
N GLY B 260 6.01 8.52 -24.96
CA GLY B 260 6.29 9.93 -24.80
C GLY B 260 5.16 10.69 -24.16
N PHE B 261 5.48 11.71 -23.36
CA PHE B 261 4.51 12.69 -22.92
C PHE B 261 5.03 14.10 -23.19
N ASP B 262 4.13 15.05 -23.13
CA ASP B 262 4.46 16.46 -23.35
C ASP B 262 4.90 17.05 -21.99
N TYR B 263 6.21 17.28 -21.84
CA TYR B 263 6.76 17.91 -20.64
C TYR B 263 6.22 19.27 -20.32
N GLY B 264 5.74 19.99 -21.34
CA GLY B 264 5.07 21.26 -21.13
C GLY B 264 5.99 22.46 -21.30
N GLU B 265 5.39 23.64 -21.18
CA GLU B 265 6.07 24.88 -21.54
C GLU B 265 7.09 25.34 -20.50
N ARG B 266 6.88 25.04 -19.21
CA ARG B 266 7.87 25.43 -18.20
C ARG B 266 9.17 24.72 -18.44
N PHE B 267 9.13 23.41 -18.68
CA PHE B 267 10.32 22.65 -19.00
C PHE B 267 11.10 23.30 -20.15
N TRP B 268 10.38 23.58 -21.23
CA TRP B 268 11.01 24.07 -22.45
C TRP B 268 11.42 25.55 -22.37
N ASP B 269 10.71 26.34 -21.57
CA ASP B 269 11.13 27.74 -21.31
C ASP B 269 12.53 27.75 -20.65
N ILE B 270 12.77 26.77 -19.78
CA ILE B 270 14.04 26.63 -19.09
C ILE B 270 15.09 25.99 -19.96
N LYS B 271 14.79 24.79 -20.49
CA LYS B 271 15.79 23.98 -21.18
C LYS B 271 16.00 24.35 -22.64
N GLY B 272 15.04 25.08 -23.22
CA GLY B 272 15.14 25.57 -24.61
C GLY B 272 16.35 26.47 -24.84
N LYS B 273 16.78 27.11 -23.75
CA LYS B 273 18.03 27.89 -23.73
C LYS B 273 19.29 27.02 -23.91
N LEU B 274 19.20 25.73 -23.58
CA LEU B 274 20.34 24.81 -23.61
C LEU B 274 20.34 23.80 -24.77
N PHE B 275 19.16 23.33 -25.15
CA PHE B 275 19.05 22.38 -26.25
C PHE B 275 17.65 22.42 -26.81
N SER B 276 17.51 21.95 -28.04
CA SER B 276 16.22 21.90 -28.73
CA SER B 276 16.20 21.91 -28.70
C SER B 276 15.62 20.49 -28.68
N CYS B 277 14.33 20.40 -28.99
CA CYS B 277 13.61 19.13 -28.99
C CYS B 277 14.06 18.28 -30.14
N ARG B 278 14.35 17.02 -29.86
CA ARG B 278 14.70 16.05 -30.88
C ARG B 278 13.66 14.95 -31.01
N CYS B 279 12.39 15.28 -30.72
CA CYS B 279 11.32 14.29 -30.82
C CYS B 279 11.09 13.87 -32.27
N GLY B 280 11.39 14.76 -33.21
CA GLY B 280 11.31 14.46 -34.62
C GLY B 280 9.93 14.53 -35.21
N SER B 281 8.95 15.01 -34.45
CA SER B 281 7.60 15.16 -34.99
C SER B 281 7.66 16.17 -36.14
N PRO B 282 6.93 15.93 -37.22
CA PRO B 282 6.74 16.98 -38.24
C PRO B 282 6.04 18.23 -37.70
N LYS B 283 5.37 18.12 -36.54
CA LYS B 283 4.71 19.24 -35.87
C LYS B 283 5.39 19.64 -34.57
N CYS B 284 6.66 19.31 -34.45
CA CYS B 284 7.45 19.70 -33.27
C CYS B 284 7.30 21.19 -32.97
N ARG B 285 7.06 21.50 -31.71
CA ARG B 285 6.82 22.86 -31.25
C ARG B 285 8.00 23.44 -30.47
N HIS B 286 9.07 22.67 -30.32
CA HIS B 286 10.23 23.04 -29.50
C HIS B 286 11.57 22.78 -30.20
N SER B 287 11.54 22.66 -31.53
CA SER B 287 12.73 22.32 -32.31
C SER B 287 13.51 23.59 -32.59
N SAM C . -16.85 -11.31 20.99
CA SAM C . -16.61 -9.94 20.53
C SAM C . -17.78 -9.44 19.73
O SAM C . -18.80 -10.18 19.60
OXT SAM C . -17.70 -8.29 19.22
CB SAM C . -15.29 -9.84 19.73
CG SAM C . -14.08 -9.59 20.64
SD SAM C . -14.01 -8.06 21.36
CE SAM C . -12.58 -7.37 20.90
C5' SAM C . -13.83 -8.21 23.03
C4' SAM C . -15.09 -8.57 23.83
O4' SAM C . -15.55 -9.91 23.61
C3' SAM C . -14.82 -8.52 25.33
O3' SAM C . -14.87 -7.20 25.90
C2' SAM C . -15.88 -9.45 25.86
O2' SAM C . -17.16 -8.83 25.81
C1' SAM C . -15.87 -10.57 24.85
N9 SAM C . -14.80 -11.56 25.16
C8 SAM C . -13.69 -11.81 24.43
N7 SAM C . -12.94 -12.78 24.98
C5 SAM C . -13.59 -13.17 26.10
C6 SAM C . -13.34 -14.17 27.15
N6 SAM C . -12.25 -14.94 27.11
N1 SAM C . -14.26 -14.27 28.15
C2 SAM C . -15.36 -13.49 28.19
N3 SAM C . -15.66 -12.57 27.25
C4 SAM C . -14.82 -12.38 26.21
C4 7KZ D . -2.69 3.05 27.77
C5 7KZ D . -3.69 3.39 26.68
C6 7KZ D . -5.93 2.41 27.34
N1 7KZ D . -7.10 2.72 27.93
C7 7KZ D . -7.99 1.77 28.16
C8 7KZ D . -9.56 3.47 29.19
N2 7KZ D . -9.13 2.14 28.77
C9 7KZ D . -10.09 3.44 30.61
C10 7KZ D . -10.67 4.80 30.99
C11 7KZ D . -12.36 6.47 30.50
C12 7KZ D . -11.18 5.32 28.72
N3 7KZ D . -11.73 5.19 30.07
C13 7KZ D . -10.61 3.98 28.24
C14 7KZ D . -7.73 0.40 27.77
C15 7KZ D . -8.60 -0.69 27.98
N4 7KZ D . -5.57 1.19 26.91
C19 7KZ D . -5.56 -3.78 25.90
O1 7KZ D . -6.83 -3.45 26.46
C18 7KZ D . -7.04 -2.16 26.87
C16 7KZ D . -8.28 -1.94 27.54
O 7KZ D . -9.06 -3.05 27.70
C17 7KZ D . -10.35 -2.90 28.27
C20 7KZ D . -6.17 -1.13 26.67
C21 7KZ D . -6.49 0.18 27.12
N 7KZ D . -5.04 3.42 27.22
ZN ZN E . 16.41 -5.50 3.84
ZN ZN F . 15.43 -8.44 1.67
ZN ZN G . 18.86 -8.34 3.18
ZN ZN H . -9.26 -17.63 30.58
CL CL I . 4.65 -14.30 2.72
C1 GOL J . 0.49 2.38 10.60
O1 GOL J . 0.00 1.15 10.07
C2 GOL J . 1.16 2.29 11.98
O2 GOL J . 2.47 1.80 11.76
C3 GOL J . 0.53 1.36 13.02
O3 GOL J . 1.17 1.48 14.29
UNK UNX K . 2.15 1.99 7.01
UNK UNX L . -2.85 5.70 7.11
UNK UNX M . 0.95 -11.35 25.88
UNK UNX N . 17.72 -11.89 -6.77
UNK UNX O . -23.28 -14.65 23.24
UNK UNX P . -17.79 -9.99 38.30
N SAM Q . 16.58 10.42 -21.58
CA SAM Q . 16.58 10.61 -20.14
C SAM Q . 17.70 9.79 -19.51
O SAM Q . 18.48 9.14 -20.23
OXT SAM Q . 17.80 9.81 -18.25
CB SAM Q . 15.22 10.25 -19.55
CG SAM Q . 14.24 11.44 -19.59
SD SAM Q . 14.62 12.70 -18.55
CE SAM Q . 13.33 12.94 -17.54
C5' SAM Q . 14.67 14.16 -19.36
C4' SAM Q . 15.92 14.46 -20.20
O4' SAM Q . 16.00 13.60 -21.36
C3' SAM Q . 15.90 15.86 -20.76
O3' SAM Q . 16.34 16.90 -19.85
C2' SAM Q . 16.79 15.72 -21.96
O2' SAM Q . 18.17 15.65 -21.56
C1' SAM Q . 16.39 14.38 -22.51
N9 SAM Q . 15.21 14.50 -23.42
C8 SAM Q . 14.00 13.99 -23.18
N7 SAM Q . 13.15 14.26 -24.19
C5 SAM Q . 13.85 14.98 -25.10
C6 SAM Q . 13.54 15.58 -26.39
N6 SAM Q . 12.30 15.45 -26.92
N1 SAM Q . 14.54 16.25 -27.03
C2 SAM Q . 15.78 16.36 -26.50
N3 SAM Q . 16.14 15.83 -25.31
C4 SAM Q . 15.22 15.12 -24.58
C4 7KZ R . 6.92 25.38 -10.28
C5 7KZ R . 7.78 24.40 -9.49
C6 7KZ R . 9.85 24.09 -10.89
N1 7KZ R . 11.13 24.46 -10.98
C7 7KZ R . 11.84 24.07 -12.03
C8 7KZ R . 13.83 25.31 -11.13
N2 7KZ R . 13.12 24.45 -12.07
C9 7KZ R . 14.20 26.62 -11.81
C10 7KZ R . 15.04 27.48 -10.86
C12 7KZ R . 15.86 25.57 -9.71
N3 7KZ R . 16.24 26.78 -10.44
C13 7KZ R . 15.06 24.61 -10.59
C14 7KZ R . 11.26 23.22 -13.05
C15 7KZ R . 11.92 22.77 -14.21
N4 7KZ R . 9.18 23.27 -11.74
C19 7KZ R . 8.03 20.38 -15.77
O1 7KZ R . 9.43 20.74 -15.84
C18 7KZ R . 9.95 21.55 -14.87
C16 7KZ R . 11.28 21.94 -15.10
O 7KZ R . 11.84 21.41 -16.23
C17 7KZ R . 13.21 21.73 -16.55
C20 7KZ R . 9.28 21.98 -13.75
C21 7KZ R . 9.91 22.83 -12.83
N 7KZ R . 9.17 24.57 -9.82
ZN ZN S . -16.68 4.96 -4.51
ZN ZN T . -16.70 1.60 -6.27
ZN ZN U . -19.76 3.80 -6.50
ZN ZN V . 9.35 18.07 -30.41
S DMS W . -26.04 2.49 -7.12
O DMS W . -25.37 1.29 -6.57
C1 DMS W . -27.17 1.98 -8.31
C2 DMS W . -27.02 3.26 -5.96
UNK UNX X . -1.14 7.37 -1.08
UNK UNX Y . 4.76 8.32 1.62
UNK UNX Z . 19.09 -9.19 -14.14
UNK UNX AA . 19.58 16.51 -2.41
UNK UNX BA . -8.30 -2.50 -14.73
UNK UNX CA . 22.46 8.00 -26.41
UNK UNX DA . -1.54 18.08 -13.98
UNK UNX EA . -9.75 1.52 -25.88
UNK UNX FA . 0.35 10.22 -30.94
#